data_9NIO
#
_entry.id   9NIO
#
_cell.length_a   67.585
_cell.length_b   68.369
_cell.length_c   138.088
_cell.angle_alpha   90.000
_cell.angle_beta   90.000
_cell.angle_gamma   90.000
#
_symmetry.space_group_name_H-M   'P 21 21 21'
#
loop_
_entity.id
_entity.type
_entity.pdbx_description
1 polymer 'Guanine-N7 methyltransferase nsp14'
2 non-polymer 'ZINC ION'
3 non-polymer 'PHOSPHATE ION'
4 non-polymer N-[(2-ethynyl-1,3-thiazol-4-yl)methyl]-1H-pyrazole-3-carboxamide
5 water water
#
_entity_poly.entity_id   1
_entity_poly.type   'polypeptide(L)'
_entity_poly.pdbx_seq_one_letter_code
;SMLFKDCSKVITGLHPTQAPTHLSVDTKFKTEGLCVDIPGIPKDMTYRRLISMMGFKMNYQVNGYPNMFITREEAIRHVR
AWIGFDVEGCHATREAVGTNLPLQLGFSTGVNLVAVPTGYVDTPNNTDFSRVSAKPPPGDQFKHLIPLMYKGLPWNVVRI
KIVQMLSDTLKNLSDRVVFVLWAHGFELTSMKYFVKIGPERTCCLCDRRATCFSTASDTYACWHHSIGFDYVYNPFMIDV
QQWGFTGNLQSNHDLYCQVHGNAHVASCDAIMTRCLAVHECFVKRVDWTIEYPIIGDELKINAACRKVQHMVVKAALLAD
KFPVLHDIGNPKAIKCVPQADVEWKFYDAQPCSDKAYKIEELFYSYATHSDKFTDGVCLFWNCNVDRYPANSIVCRFDTR
VLSNLNLPGCDGGSLYVNKHAFHTPAFDKSAFVNLKQLPFFYYSDSPCESHGKQVVSDIDYVPLKSATCITRCNLGGAVC
RHHANEYRLYLDAYNMMISAGFSLWVYKQFDTYNLWNTFTRLQ
;
_entity_poly.pdbx_strand_id   A
#
# COMPACT_ATOMS: atom_id res chain seq x y z
N HIS A 22 -15.38 8.80 17.90
CA HIS A 22 -14.05 9.32 18.23
C HIS A 22 -13.59 8.86 19.62
N LEU A 23 -12.31 9.06 19.92
CA LEU A 23 -11.74 8.67 21.21
C LEU A 23 -12.05 9.74 22.26
N SER A 24 -12.76 9.35 23.31
CA SER A 24 -13.11 10.28 24.37
C SER A 24 -11.87 10.83 25.01
N VAL A 25 -11.82 12.15 25.18
CA VAL A 25 -10.69 12.70 25.92
C VAL A 25 -10.64 12.21 27.37
N ASP A 26 -11.75 11.68 27.91
CA ASP A 26 -11.73 11.16 29.28
C ASP A 26 -11.23 9.71 29.35
N THR A 27 -10.86 9.10 28.23
CA THR A 27 -10.24 7.78 28.26
C THR A 27 -8.91 7.85 28.99
N LYS A 28 -8.60 6.79 29.73
CA LYS A 28 -7.33 6.75 30.45
C LYS A 28 -6.18 6.46 29.48
N PHE A 29 -5.04 7.09 29.77
CA PHE A 29 -3.80 6.91 29.03
C PHE A 29 -2.78 6.33 29.99
N LYS A 30 -2.16 5.21 29.61
CA LYS A 30 -1.14 4.59 30.48
C LYS A 30 0.17 5.35 30.34
N THR A 31 0.74 5.80 31.46
CA THR A 31 1.83 6.74 31.47
C THR A 31 3.18 6.12 31.80
N GLU A 32 3.25 4.81 32.03
CA GLU A 32 4.51 4.19 32.43
C GLU A 32 5.59 4.35 31.37
N GLY A 33 5.22 4.33 30.10
CA GLY A 33 6.21 4.58 29.04
C GLY A 33 6.75 5.99 29.02
N LEU A 34 6.05 6.95 29.64
CA LEU A 34 6.52 8.33 29.63
C LEU A 34 7.43 8.68 30.81
N CYS A 35 7.59 7.78 31.77
CA CYS A 35 8.11 8.28 33.05
C CYS A 35 9.63 8.42 33.07
N VAL A 36 10.37 7.94 32.07
CA VAL A 36 11.80 8.24 32.10
C VAL A 36 12.08 9.62 31.54
N ASP A 37 11.39 10.02 30.47
CA ASP A 37 11.51 11.40 30.03
C ASP A 37 10.77 12.38 30.95
N ILE A 38 9.71 11.93 31.62
CA ILE A 38 8.90 12.81 32.48
C ILE A 38 8.78 12.16 33.86
N PRO A 39 9.82 12.16 34.67
CA PRO A 39 9.74 11.50 35.98
C PRO A 39 8.71 12.17 36.87
N GLY A 40 7.95 11.34 37.61
CA GLY A 40 6.92 11.85 38.48
C GLY A 40 5.55 11.95 37.85
N ILE A 41 5.40 11.56 36.59
CA ILE A 41 4.12 11.74 35.88
C ILE A 41 3.05 10.90 36.56
N PRO A 42 1.84 11.42 36.74
CA PRO A 42 0.81 10.65 37.44
C PRO A 42 0.49 9.36 36.70
N LYS A 43 0.22 8.31 37.47
CA LYS A 43 -0.24 7.06 36.90
C LYS A 43 -1.66 7.19 36.37
N ASP A 44 -2.48 7.98 37.06
CA ASP A 44 -3.86 8.22 36.69
C ASP A 44 -3.85 9.42 35.75
N MET A 45 -4.17 9.20 34.47
CA MET A 45 -4.04 10.23 33.45
C MET A 45 -5.09 10.00 32.39
N THR A 46 -5.75 11.06 31.95
CA THR A 46 -6.63 11.03 30.78
C THR A 46 -5.98 11.71 29.58
N TYR A 47 -6.56 11.49 28.41
CA TYR A 47 -6.10 12.23 27.24
C TYR A 47 -6.27 13.72 27.47
N ARG A 48 -7.38 14.11 28.11
CA ARG A 48 -7.63 15.52 28.39
C ARG A 48 -6.46 16.14 29.14
N ARG A 49 -5.98 15.47 30.20
CA ARG A 49 -4.89 16.03 31.00
C ARG A 49 -3.55 15.95 30.27
N LEU A 50 -3.37 14.89 29.47
CA LEU A 50 -2.17 14.74 28.65
C LEU A 50 -2.05 15.89 27.66
N ILE A 51 -3.13 16.20 26.92
CA ILE A 51 -3.10 17.29 25.94
C ILE A 51 -2.79 18.61 26.62
N SER A 52 -3.40 18.84 27.79
CA SER A 52 -3.09 20.03 28.57
C SER A 52 -1.63 20.08 28.93
N MET A 53 -1.07 18.95 29.36
CA MET A 53 0.33 18.93 29.74
C MET A 53 1.23 19.13 28.52
N MET A 54 0.77 18.72 27.35
CA MET A 54 1.54 18.99 26.12
C MET A 54 1.50 20.44 25.74
N GLY A 55 0.75 21.24 26.47
CA GLY A 55 0.67 22.67 26.23
C GLY A 55 -0.36 23.14 25.23
N PHE A 56 -1.36 22.32 24.92
CA PHE A 56 -2.42 22.69 24.01
C PHE A 56 -3.68 22.96 24.81
N GLY A 64 -14.97 20.10 15.32
CA GLY A 64 -14.69 18.83 14.62
C GLY A 64 -13.39 18.13 14.96
N TYR A 65 -12.68 18.66 15.93
CA TYR A 65 -11.38 18.15 16.41
C TYR A 65 -11.57 17.85 17.89
N PRO A 66 -12.26 16.74 18.23
CA PRO A 66 -12.53 16.46 19.65
C PRO A 66 -11.29 16.03 20.45
N ASN A 67 -10.32 15.42 19.79
CA ASN A 67 -9.17 14.84 20.44
C ASN A 67 -8.02 14.83 19.44
N MET A 68 -6.81 15.16 19.91
CA MET A 68 -5.62 15.03 19.07
C MET A 68 -5.31 13.57 18.79
N PHE A 69 -5.69 12.69 19.72
CA PHE A 69 -5.42 11.27 19.66
C PHE A 69 -6.64 10.56 19.11
N ILE A 70 -6.41 9.41 18.47
CA ILE A 70 -7.49 8.69 17.81
C ILE A 70 -7.44 7.21 18.17
N THR A 71 -8.56 6.54 17.92
CA THR A 71 -8.69 5.12 18.17
C THR A 71 -7.93 4.30 17.13
N ARG A 72 -7.70 3.02 17.45
CA ARG A 72 -7.07 2.14 16.46
C ARG A 72 -7.92 2.03 15.21
N GLU A 73 -9.23 1.94 15.39
CA GLU A 73 -10.14 1.84 14.24
C GLU A 73 -10.06 3.08 13.35
N GLU A 74 -10.08 4.28 13.94
CA GLU A 74 -9.92 5.49 13.14
C GLU A 74 -8.54 5.49 12.46
N ALA A 75 -7.51 5.03 13.17
CA ALA A 75 -6.16 5.00 12.60
C ALA A 75 -6.10 4.08 11.38
N ILE A 76 -6.73 2.90 11.49
CA ILE A 76 -6.74 1.94 10.39
C ILE A 76 -7.46 2.53 9.19
N ARG A 77 -8.57 3.24 9.42
CA ARG A 77 -9.24 3.89 8.29
C ARG A 77 -8.34 4.90 7.63
N HIS A 78 -7.33 5.42 8.33
CA HIS A 78 -6.49 6.50 7.81
C HIS A 78 -5.04 6.06 7.70
N VAL A 79 -4.81 4.79 7.36
CA VAL A 79 -3.45 4.27 7.26
C VAL A 79 -2.61 5.07 6.27
N ARG A 80 -3.21 5.57 5.20
CA ARG A 80 -2.41 6.35 4.26
C ARG A 80 -1.79 7.57 4.90
N ALA A 81 -2.36 8.06 6.02
CA ALA A 81 -1.85 9.24 6.69
C ALA A 81 -0.77 8.92 7.73
N TRP A 82 -0.40 7.65 7.89
CA TRP A 82 0.48 7.32 9.00
C TRP A 82 1.89 7.81 8.73
N ILE A 83 2.44 8.53 9.69
CA ILE A 83 3.84 8.93 9.69
C ILE A 83 4.39 8.57 11.07
N GLY A 84 5.32 7.61 11.13
CA GLY A 84 5.97 7.32 12.40
C GLY A 84 6.84 8.50 12.80
N PHE A 85 6.90 8.74 14.12
CA PHE A 85 7.58 9.93 14.62
C PHE A 85 8.22 9.57 15.96
N ASP A 86 9.49 9.91 16.11
CA ASP A 86 10.23 9.67 17.34
C ASP A 86 11.07 10.91 17.60
N VAL A 87 11.27 11.19 18.88
CA VAL A 87 12.15 12.27 19.32
C VAL A 87 13.11 11.73 20.37
N GLU A 88 14.40 11.96 20.17
CA GLU A 88 15.46 11.45 21.02
C GLU A 88 16.27 12.63 21.54
N GLY A 89 16.58 12.62 22.84
CA GLY A 89 17.31 13.70 23.48
C GLY A 89 18.76 13.30 23.70
N PRO A 102 19.54 19.70 23.01
CA PRO A 102 19.15 19.49 21.60
C PRO A 102 18.45 18.17 21.34
N LEU A 103 17.51 18.15 20.39
CA LEU A 103 16.65 17.00 20.16
C LEU A 103 16.72 16.54 18.70
N GLN A 104 16.74 15.23 18.51
CA GLN A 104 16.72 14.64 17.18
C GLN A 104 15.30 14.17 16.92
N LEU A 105 14.70 14.74 15.89
CA LEU A 105 13.36 14.40 15.45
C LEU A 105 13.48 13.46 14.26
N GLY A 106 12.88 12.30 14.36
CA GLY A 106 12.98 11.28 13.33
C GLY A 106 11.59 10.93 12.84
N PHE A 107 11.47 10.73 11.54
CA PHE A 107 10.20 10.42 10.88
C PHE A 107 10.37 9.17 10.04
N SER A 108 9.26 8.44 9.86
CA SER A 108 9.36 7.21 9.09
C SER A 108 9.65 7.44 7.61
N THR A 109 9.63 8.69 7.14
CA THR A 109 10.16 9.02 5.82
C THR A 109 11.68 8.87 5.73
N GLY A 110 12.36 8.59 6.84
CA GLY A 110 13.81 8.47 6.87
C GLY A 110 14.53 9.72 7.29
N VAL A 111 13.84 10.81 7.50
CA VAL A 111 14.44 12.11 7.81
C VAL A 111 14.71 12.24 9.31
N ASN A 112 15.90 12.73 9.64
CA ASN A 112 16.22 13.20 10.98
C ASN A 112 16.53 14.69 10.94
N LEU A 113 15.89 15.43 11.83
CA LEU A 113 16.15 16.84 12.03
C LEU A 113 16.65 17.03 13.45
N VAL A 114 17.64 17.90 13.64
CA VAL A 114 18.07 18.25 14.99
C VAL A 114 17.53 19.63 15.31
N ALA A 115 16.76 19.75 16.40
CA ALA A 115 16.25 21.04 16.88
C ALA A 115 17.05 21.51 18.08
N VAL A 116 17.49 22.76 18.01
CA VAL A 116 18.33 23.31 19.07
C VAL A 116 17.56 24.38 19.84
N TYR A 150 20.30 15.93 9.45
CA TYR A 150 20.47 17.38 9.34
C TYR A 150 20.96 18.00 10.65
N LYS A 151 21.91 18.94 10.54
CA LYS A 151 22.54 19.54 11.70
C LYS A 151 21.61 20.54 12.38
N GLY A 152 21.95 20.85 13.64
CA GLY A 152 21.00 21.49 14.54
C GLY A 152 20.60 22.90 14.13
N LEU A 153 19.31 23.19 14.25
CA LEU A 153 18.72 24.44 13.85
C LEU A 153 17.59 24.81 14.80
N PRO A 154 17.25 26.08 14.91
CA PRO A 154 16.17 26.47 15.82
C PRO A 154 14.83 26.00 15.31
N TRP A 155 13.88 25.93 16.25
CA TRP A 155 12.55 25.43 15.97
C TRP A 155 11.85 26.23 14.87
N ASN A 156 12.11 27.55 14.79
CA ASN A 156 11.42 28.37 13.80
C ASN A 156 11.80 27.99 12.38
N VAL A 157 12.93 27.31 12.18
CA VAL A 157 13.20 26.82 10.81
C VAL A 157 12.92 25.32 10.72
N VAL A 158 13.11 24.59 11.82
CA VAL A 158 12.77 23.17 11.80
C VAL A 158 11.30 22.97 11.43
N ARG A 159 10.40 23.79 11.99
CA ARG A 159 8.98 23.60 11.73
C ARG A 159 8.65 23.78 10.24
N ILE A 160 9.32 24.72 9.57
CA ILE A 160 9.12 24.93 8.12
C ILE A 160 9.46 23.67 7.35
N LYS A 161 10.56 23.01 7.73
CA LYS A 161 10.96 21.78 7.06
C LYS A 161 9.93 20.68 7.29
N ILE A 162 9.42 20.56 8.53
CA ILE A 162 8.43 19.54 8.84
C ILE A 162 7.20 19.71 7.96
N VAL A 163 6.71 20.94 7.82
CA VAL A 163 5.55 21.20 6.98
C VAL A 163 5.83 20.77 5.54
N GLN A 164 6.98 21.19 5.00
CA GLN A 164 7.31 20.84 3.61
C GLN A 164 7.40 19.32 3.44
N MET A 165 8.07 18.65 4.37
CA MET A 165 8.23 17.20 4.32
C MET A 165 6.89 16.47 4.36
N LEU A 166 6.05 16.81 5.32
CA LEU A 166 4.76 16.12 5.43
C LEU A 166 3.90 16.41 4.20
N SER A 167 3.90 17.67 3.75
CA SER A 167 3.11 18.07 2.59
C SER A 167 3.52 17.28 1.35
N ASP A 168 4.82 17.16 1.09
CA ASP A 168 5.24 16.42 -0.10
C ASP A 168 5.00 14.92 0.08
N THR A 169 5.10 14.40 1.30
CA THR A 169 4.87 12.97 1.50
C THR A 169 3.39 12.63 1.36
N LEU A 170 2.50 13.51 1.83
CA LEU A 170 1.11 13.14 2.04
C LEU A 170 0.10 13.73 1.06
N LYS A 171 0.47 14.71 0.25
CA LYS A 171 -0.55 15.42 -0.51
C LYS A 171 -1.30 14.49 -1.48
N ASN A 172 -0.64 13.48 -2.01
CA ASN A 172 -1.29 12.56 -2.91
C ASN A 172 -1.77 11.31 -2.21
N LEU A 173 -1.73 11.28 -0.88
CA LEU A 173 -2.17 10.10 -0.16
C LEU A 173 -3.38 10.33 0.73
N SER A 174 -3.45 11.45 1.47
CA SER A 174 -4.43 11.57 2.54
C SER A 174 -4.79 13.02 2.77
N ASP A 175 -5.93 13.23 3.41
CA ASP A 175 -6.35 14.57 3.81
C ASP A 175 -5.84 14.97 5.20
N ARG A 176 -4.91 14.20 5.78
CA ARG A 176 -4.48 14.47 7.15
C ARG A 176 -3.13 13.83 7.39
N VAL A 177 -2.64 13.95 8.62
CA VAL A 177 -1.49 13.20 9.10
C VAL A 177 -1.85 12.52 10.40
N VAL A 178 -1.41 11.27 10.57
CA VAL A 178 -1.48 10.55 11.83
C VAL A 178 -0.06 10.23 12.28
N PHE A 179 0.40 10.87 13.35
CA PHE A 179 1.69 10.53 13.91
C PHE A 179 1.53 9.24 14.70
N VAL A 180 2.28 8.23 14.30
CA VAL A 180 2.32 6.92 14.96
C VAL A 180 3.51 6.90 15.88
N LEU A 181 3.24 6.78 17.15
CA LEU A 181 4.23 6.96 18.20
C LEU A 181 4.49 5.67 18.95
N TRP A 182 5.69 5.59 19.48
CA TRP A 182 6.02 4.72 20.62
C TRP A 182 6.46 5.69 21.75
N ALA A 183 5.48 6.11 22.53
CA ALA A 183 5.61 7.40 23.22
C ALA A 183 6.42 7.27 24.49
N HIS A 184 7.53 7.99 24.57
CA HIS A 184 8.30 8.01 25.80
C HIS A 184 8.43 9.40 26.41
N GLY A 185 7.91 10.44 25.75
CA GLY A 185 7.77 11.76 26.36
C GLY A 185 8.24 12.94 25.54
N PHE A 186 9.50 12.94 25.07
CA PHE A 186 10.01 14.06 24.29
C PHE A 186 9.18 14.29 23.03
N GLU A 187 8.69 13.22 22.41
CA GLU A 187 7.94 13.44 21.17
C GLU A 187 6.69 14.24 21.47
N LEU A 188 6.03 13.95 22.61
CA LEU A 188 4.77 14.61 22.91
C LEU A 188 4.98 16.07 23.34
N THR A 189 6.00 16.33 24.14
CA THR A 189 6.29 17.69 24.58
C THR A 189 6.96 18.53 23.52
N SER A 190 7.36 17.94 22.40
CA SER A 190 7.94 18.72 21.32
C SER A 190 6.90 19.21 20.32
N MET A 191 5.69 18.69 20.40
CA MET A 191 4.67 19.02 19.42
C MET A 191 4.30 20.49 19.45
N LYS A 192 4.22 21.09 20.64
CA LYS A 192 3.86 22.49 20.74
C LYS A 192 4.79 23.39 19.95
N TYR A 193 5.98 22.91 19.54
CA TYR A 193 6.91 23.75 18.81
C TYR A 193 6.66 23.73 17.31
N PHE A 194 5.78 22.83 16.81
CA PHE A 194 5.49 22.83 15.38
C PHE A 194 4.04 22.50 15.04
N VAL A 195 3.17 22.40 16.04
CA VAL A 195 1.77 22.07 15.86
C VAL A 195 0.91 23.20 16.42
N LYS A 196 -0.15 23.54 15.69
CA LYS A 196 -1.21 24.39 16.22
C LYS A 196 -2.52 23.63 16.07
N ILE A 197 -3.45 23.86 17.00
CA ILE A 197 -4.75 23.20 16.91
C ILE A 197 -5.87 24.24 16.99
N GLY A 198 -7.07 23.79 16.66
CA GLY A 198 -8.21 24.67 16.61
C GLY A 198 -9.40 23.95 16.01
N PRO A 199 -10.40 24.72 15.58
CA PRO A 199 -11.55 24.10 14.90
C PRO A 199 -11.16 23.48 13.53
N ARG A 201 -10.91 23.41 9.77
CA ARG A 201 -10.97 24.48 8.78
C ARG A 201 -10.75 23.97 7.36
N THR A 202 -10.99 24.84 6.39
CA THR A 202 -10.71 24.50 5.00
C THR A 202 -9.53 25.29 4.50
N CYS A 203 -8.95 24.79 3.40
CA CYS A 203 -7.82 25.46 2.75
C CYS A 203 -8.23 26.83 2.24
N CYS A 204 -7.30 27.76 2.30
CA CYS A 204 -7.59 29.10 1.82
C CYS A 204 -7.71 29.14 0.32
N LEU A 205 -7.18 28.13 -0.38
CA LEU A 205 -7.14 28.11 -1.83
C LEU A 205 -7.92 26.97 -2.45
N CYS A 206 -8.47 26.05 -1.67
CA CYS A 206 -9.33 25.03 -2.25
C CYS A 206 -10.33 24.59 -1.19
N ASP A 207 -11.06 23.51 -1.46
CA ASP A 207 -12.09 23.01 -0.57
C ASP A 207 -11.63 21.87 0.34
N ARG A 208 -10.38 21.45 0.24
CA ARG A 208 -9.89 20.41 1.12
C ARG A 208 -9.70 20.92 2.56
N ARG A 209 -9.80 20.00 3.52
CA ARG A 209 -9.61 20.38 4.90
C ARG A 209 -8.18 20.88 5.10
N ALA A 210 -8.03 21.83 6.02
CA ALA A 210 -6.74 22.43 6.33
C ALA A 210 -5.88 21.51 7.19
N THR A 211 -4.60 21.40 6.82
CA THR A 211 -3.58 20.60 7.49
C THR A 211 -2.38 21.42 7.94
N CYS A 212 -2.27 22.67 7.49
CA CYS A 212 -1.16 23.55 7.80
C CYS A 212 -1.68 24.96 8.07
N PHE A 213 -0.85 25.71 8.80
CA PHE A 213 -1.14 27.09 9.15
C PHE A 213 0.12 27.91 8.93
N SER A 214 -0.05 29.16 8.52
CA SER A 214 1.07 30.08 8.33
C SER A 214 0.92 31.26 9.28
N THR A 215 1.94 31.47 10.13
CA THR A 215 1.93 32.64 11.00
C THR A 215 2.22 33.92 10.22
N ALA A 216 2.81 33.83 9.03
CA ALA A 216 3.13 35.03 8.28
C ALA A 216 1.89 35.71 7.73
N SER A 217 0.98 34.93 7.15
CA SER A 217 -0.23 35.46 6.55
C SER A 217 -1.49 35.17 7.37
N ASP A 218 -1.40 34.40 8.44
CA ASP A 218 -2.59 34.06 9.23
C ASP A 218 -3.63 33.31 8.39
N THR A 219 -3.16 32.36 7.58
CA THR A 219 -4.03 31.58 6.70
C THR A 219 -3.75 30.10 6.88
N TYR A 220 -4.67 29.28 6.36
CA TYR A 220 -4.64 27.82 6.46
C TYR A 220 -4.57 27.18 5.07
N ALA A 221 -3.97 25.98 4.99
CA ALA A 221 -3.85 25.31 3.71
C ALA A 221 -3.94 23.79 3.88
N CYS A 222 -4.33 23.15 2.77
CA CYS A 222 -4.20 21.70 2.65
C CYS A 222 -2.76 21.33 2.35
N TRP A 223 -2.51 20.03 2.16
CA TRP A 223 -1.15 19.63 1.84
C TRP A 223 -0.71 20.11 0.47
N HIS A 224 -1.64 20.41 -0.43
CA HIS A 224 -1.30 20.81 -1.79
C HIS A 224 -0.90 22.28 -1.91
N HIS A 225 -1.33 23.13 -0.98
CA HIS A 225 -1.17 24.57 -1.11
C HIS A 225 -0.42 25.19 0.07
N SER A 226 0.48 24.43 0.69
CA SER A 226 1.09 24.82 1.95
C SER A 226 2.50 25.36 1.79
N ILE A 227 2.94 25.64 0.56
CA ILE A 227 4.30 26.08 0.33
C ILE A 227 4.57 27.34 1.14
N GLY A 228 5.63 27.30 1.94
CA GLY A 228 5.96 28.41 2.81
C GLY A 228 5.24 28.46 4.14
N PHE A 229 4.41 27.48 4.47
CA PHE A 229 3.70 27.52 5.76
C PHE A 229 4.60 26.99 6.87
N ASP A 230 4.32 27.42 8.10
CA ASP A 230 5.26 27.05 9.15
C ASP A 230 4.71 26.17 10.25
N TYR A 231 3.40 25.89 10.33
CA TYR A 231 2.91 24.99 11.37
C TYR A 231 2.01 23.88 10.83
N VAL A 232 2.16 22.69 11.41
CA VAL A 232 1.20 21.61 11.19
C VAL A 232 -0.07 21.94 11.96
N TYR A 233 -1.22 21.80 11.31
CA TYR A 233 -2.51 22.19 11.89
C TYR A 233 -3.41 20.97 12.05
N ASN A 234 -3.98 20.83 13.25
CA ASN A 234 -4.83 19.70 13.61
C ASN A 234 -4.29 18.37 13.10
N PRO A 235 -3.05 18.01 13.46
CA PRO A 235 -2.58 16.64 13.26
C PRO A 235 -3.36 15.70 14.15
N PHE A 236 -3.33 14.40 13.79
CA PHE A 236 -3.78 13.33 14.67
C PHE A 236 -2.59 12.45 15.05
N MET A 237 -2.80 11.62 16.06
CA MET A 237 -1.70 10.84 16.64
C MET A 237 -2.26 9.65 17.39
N ILE A 238 -1.44 8.60 17.48
CA ILE A 238 -1.79 7.40 18.23
C ILE A 238 -0.53 6.81 18.85
N ASP A 239 -0.63 6.36 20.11
CA ASP A 239 0.51 5.83 20.85
C ASP A 239 0.39 4.31 20.89
N VAL A 240 1.24 3.64 20.10
CA VAL A 240 1.21 2.18 19.99
C VAL A 240 1.43 1.54 21.35
N GLN A 241 2.15 2.23 22.24
CA GLN A 241 2.42 1.66 23.54
C GLN A 241 1.14 1.57 24.39
N GLN A 242 0.02 2.11 23.93
CA GLN A 242 -1.25 1.93 24.61
C GLN A 242 -1.95 0.63 24.27
N TRP A 243 -1.42 -0.16 23.35
CA TRP A 243 -2.15 -1.33 22.85
C TRP A 243 -1.85 -2.59 23.65
N GLY A 244 -0.90 -2.54 24.57
CA GLY A 244 -0.70 -3.64 25.47
C GLY A 244 0.43 -4.52 25.04
N PHE A 245 1.64 -3.97 25.10
CA PHE A 245 2.84 -4.70 24.76
C PHE A 245 3.70 -4.90 26.00
N THR A 246 4.52 -5.94 25.96
CA THR A 246 5.59 -6.16 26.92
C THR A 246 6.93 -5.95 26.25
N GLY A 247 7.80 -5.24 26.92
CA GLY A 247 9.10 -4.99 26.36
C GLY A 247 9.13 -3.76 25.47
N ASN A 248 10.35 -3.45 25.03
CA ASN A 248 10.60 -2.20 24.34
C ASN A 248 10.20 -2.32 22.86
N LEU A 249 10.38 -1.22 22.14
CA LEU A 249 9.96 -1.19 20.74
C LEU A 249 10.71 -2.20 19.90
N GLN A 250 12.03 -2.22 20.03
CA GLN A 250 12.84 -3.07 19.15
C GLN A 250 12.55 -4.54 19.36
N SER A 251 12.37 -4.97 20.61
CA SER A 251 12.11 -6.38 20.86
C SER A 251 10.76 -6.81 20.30
N ASN A 252 9.77 -5.90 20.28
CA ASN A 252 8.48 -6.23 19.70
C ASN A 252 8.50 -6.18 18.18
N HIS A 253 9.18 -5.17 17.61
CA HIS A 253 9.25 -5.03 16.15
C HIS A 253 10.01 -6.19 15.53
N ASP A 254 11.14 -6.58 16.14
CA ASP A 254 12.02 -7.61 15.59
C ASP A 254 11.39 -9.00 15.66
N LEU A 255 10.36 -9.20 16.45
CA LEU A 255 9.68 -10.48 16.44
C LEU A 255 9.11 -10.78 15.06
N TYR A 256 8.79 -9.75 14.29
CA TYR A 256 8.07 -9.92 13.03
C TYR A 256 8.84 -9.43 11.80
N CYS A 257 9.95 -8.71 11.98
CA CYS A 257 10.54 -7.99 10.86
C CYS A 257 12.05 -7.92 11.03
N GLN A 258 12.76 -8.32 9.98
CA GLN A 258 14.21 -8.30 9.94
C GLN A 258 14.77 -7.25 9.00
N VAL A 259 13.92 -6.45 8.37
CA VAL A 259 14.36 -5.54 7.34
C VAL A 259 14.73 -4.17 7.89
N HIS A 260 14.17 -3.76 9.00
CA HIS A 260 14.46 -2.46 9.59
C HIS A 260 15.39 -2.64 10.79
N GLY A 261 16.56 -2.02 10.73
CA GLY A 261 17.52 -2.11 11.81
C GLY A 261 17.27 -1.08 12.89
N ASN A 262 18.17 -1.05 13.86
CA ASN A 262 18.14 -0.04 14.91
C ASN A 262 19.50 0.67 14.94
N ALA A 263 19.78 1.48 13.93
CA ALA A 263 21.02 2.24 13.86
C ALA A 263 21.09 3.34 14.89
N HIS A 264 20.19 3.40 15.88
CA HIS A 264 20.28 4.39 16.95
C HIS A 264 20.19 5.83 16.44
N VAL A 265 19.33 6.06 15.45
CA VAL A 265 18.87 7.39 15.08
C VAL A 265 17.37 7.38 15.24
N ALA A 266 16.80 8.57 15.43
CA ALA A 266 15.37 8.68 15.72
C ALA A 266 14.54 8.09 14.59
N SER A 267 14.95 8.31 13.33
CA SER A 267 14.15 7.81 12.22
C SER A 267 14.04 6.29 12.25
N CYS A 268 15.08 5.59 12.71
CA CYS A 268 14.97 4.14 12.81
C CYS A 268 13.83 3.74 13.73
N ASP A 269 13.75 4.37 14.90
CA ASP A 269 12.59 4.14 15.77
C ASP A 269 11.29 4.53 15.09
N ALA A 270 11.26 5.69 14.41
CA ALA A 270 10.03 6.08 13.74
C ALA A 270 9.60 5.01 12.74
N ILE A 271 10.57 4.43 12.03
CA ILE A 271 10.24 3.44 11.02
C ILE A 271 9.75 2.16 11.66
N MET A 272 10.43 1.71 12.74
CA MET A 272 9.99 0.48 13.43
C MET A 272 8.61 0.67 14.06
N THR A 273 8.33 1.85 14.60
CA THR A 273 7.03 2.09 15.23
C THR A 273 5.90 1.92 14.21
N ARG A 274 6.04 2.56 13.05
CA ARG A 274 5.01 2.44 12.02
C ARG A 274 4.92 1.00 11.53
N CYS A 275 6.07 0.35 11.36
CA CYS A 275 6.06 -1.03 10.89
C CYS A 275 5.33 -1.94 11.86
N LEU A 276 5.58 -1.78 13.17
CA LEU A 276 4.88 -2.59 14.16
C LEU A 276 3.38 -2.35 14.12
N ALA A 277 2.97 -1.08 13.97
CA ALA A 277 1.55 -0.78 13.84
C ALA A 277 0.94 -1.42 12.60
N VAL A 278 1.65 -1.33 11.47
CA VAL A 278 1.12 -2.00 10.28
C VAL A 278 0.98 -3.49 10.51
N HIS A 279 1.96 -4.11 11.18
CA HIS A 279 1.87 -5.54 11.45
C HIS A 279 0.66 -5.85 12.34
N GLU A 280 0.44 -5.05 13.39
CA GLU A 280 -0.66 -5.32 14.30
C GLU A 280 -2.02 -5.14 13.62
N CYS A 281 -2.11 -4.23 12.67
CA CYS A 281 -3.41 -3.83 12.14
C CYS A 281 -3.73 -4.42 10.78
N PHE A 282 -2.75 -4.96 10.06
CA PHE A 282 -2.98 -5.44 8.73
C PHE A 282 -2.38 -6.79 8.43
N VAL A 283 -1.54 -7.34 9.31
CA VAL A 283 -0.93 -8.65 9.10
C VAL A 283 -1.60 -9.65 10.03
N LYS A 284 -1.44 -9.49 11.34
CA LYS A 284 -2.05 -10.41 12.30
C LYS A 284 -3.56 -10.20 12.42
N ARG A 285 -4.03 -8.98 12.17
CA ARG A 285 -5.45 -8.65 12.07
C ARG A 285 -5.70 -8.17 10.65
N VAL A 286 -6.83 -8.56 10.07
CA VAL A 286 -7.20 -8.21 8.71
C VAL A 286 -8.68 -7.85 8.71
N ASP A 287 -9.03 -6.73 8.10
CA ASP A 287 -10.43 -6.31 7.90
C ASP A 287 -10.61 -5.87 6.44
N TRP A 288 -11.03 -6.79 5.58
CA TRP A 288 -11.27 -6.45 4.18
C TRP A 288 -12.60 -5.73 3.98
N THR A 289 -13.37 -5.52 5.04
CA THR A 289 -14.61 -4.74 4.90
C THR A 289 -14.34 -3.24 4.83
N ILE A 290 -13.22 -2.75 5.36
CA ILE A 290 -12.94 -1.32 5.37
C ILE A 290 -12.68 -0.85 3.96
N GLU A 291 -13.32 0.24 3.56
CA GLU A 291 -13.18 0.84 2.24
C GLU A 291 -12.29 2.07 2.34
N TYR A 292 -11.50 2.32 1.29
CA TYR A 292 -10.60 3.46 1.29
C TYR A 292 -10.88 4.34 0.07
N PRO A 293 -10.82 5.66 0.24
CA PRO A 293 -11.18 6.55 -0.88
C PRO A 293 -10.29 6.39 -2.10
N ILE A 294 -10.85 6.78 -3.25
CA ILE A 294 -10.13 6.76 -4.53
C ILE A 294 -9.15 7.93 -4.52
N ILE A 295 -7.88 7.66 -4.77
CA ILE A 295 -6.87 8.73 -4.76
C ILE A 295 -6.06 8.72 -6.04
N GLY A 296 -6.30 7.75 -6.89
CA GLY A 296 -5.50 7.64 -8.08
C GLY A 296 -6.16 6.87 -9.19
N ASP A 297 -5.41 5.99 -9.85
CA ASP A 297 -5.95 5.23 -10.98
C ASP A 297 -6.58 3.92 -10.56
N GLU A 298 -7.05 3.81 -9.32
CA GLU A 298 -7.59 2.55 -8.84
C GLU A 298 -8.51 1.88 -9.86
N LEU A 299 -9.51 2.61 -10.35
CA LEU A 299 -10.54 1.95 -11.16
C LEU A 299 -9.96 1.46 -12.48
N LYS A 300 -9.14 2.26 -13.13
CA LYS A 300 -8.52 1.83 -14.38
C LYS A 300 -7.62 0.62 -14.15
N ILE A 301 -6.87 0.62 -13.03
CA ILE A 301 -6.01 -0.50 -12.71
C ILE A 301 -6.82 -1.77 -12.56
N ASN A 302 -7.91 -1.70 -11.79
CA ASN A 302 -8.72 -2.90 -11.52
C ASN A 302 -9.37 -3.41 -12.80
N ALA A 303 -9.84 -2.51 -13.65
CA ALA A 303 -10.43 -2.93 -14.91
C ALA A 303 -9.39 -3.51 -15.85
N ALA A 304 -8.18 -2.95 -15.86
CA ALA A 304 -7.10 -3.53 -16.66
C ALA A 304 -6.77 -4.95 -16.17
N CYS A 305 -6.77 -5.17 -14.85
CA CYS A 305 -6.39 -6.48 -14.34
C CYS A 305 -7.39 -7.53 -14.80
N ARG A 306 -8.66 -7.17 -14.85
CA ARG A 306 -9.68 -8.09 -15.30
C ARG A 306 -9.53 -8.36 -16.80
N LYS A 307 -9.20 -7.33 -17.57
CA LYS A 307 -9.02 -7.49 -19.01
C LYS A 307 -7.84 -8.39 -19.32
N VAL A 308 -6.72 -8.15 -18.66
CA VAL A 308 -5.52 -8.97 -18.86
C VAL A 308 -5.75 -10.40 -18.42
N GLN A 309 -6.42 -10.58 -17.29
CA GLN A 309 -6.68 -11.92 -16.79
C GLN A 309 -7.45 -12.73 -17.80
N HIS A 310 -8.52 -12.15 -18.36
CA HIS A 310 -9.31 -12.85 -19.34
C HIS A 310 -8.47 -13.17 -20.59
N MET A 311 -7.71 -12.19 -21.07
CA MET A 311 -6.90 -12.37 -22.27
C MET A 311 -5.91 -13.49 -22.10
N VAL A 312 -5.18 -13.48 -20.98
CA VAL A 312 -4.03 -14.39 -20.84
C VAL A 312 -4.52 -15.82 -20.64
N VAL A 313 -5.60 -15.99 -19.89
CA VAL A 313 -6.07 -17.32 -19.58
C VAL A 313 -6.76 -17.92 -20.78
N LYS A 314 -7.58 -17.11 -21.46
CA LYS A 314 -8.20 -17.55 -22.71
C LYS A 314 -7.17 -18.04 -23.71
N ALA A 315 -6.07 -17.30 -23.86
CA ALA A 315 -5.04 -17.68 -24.83
C ALA A 315 -4.29 -18.94 -24.38
N ALA A 316 -3.98 -19.04 -23.08
CA ALA A 316 -3.35 -20.25 -22.58
C ALA A 316 -4.20 -21.47 -22.90
N LEU A 317 -5.51 -21.36 -22.71
CA LEU A 317 -6.36 -22.51 -22.96
C LEU A 317 -6.44 -22.83 -24.45
N LEU A 318 -6.49 -21.81 -25.30
CA LEU A 318 -6.53 -22.04 -26.75
C LEU A 318 -5.23 -22.64 -27.24
N ALA A 319 -4.10 -22.13 -26.76
CA ALA A 319 -2.81 -22.55 -27.28
C ALA A 319 -2.44 -23.95 -26.83
N ASP A 320 -2.71 -24.31 -25.57
CA ASP A 320 -2.26 -25.61 -25.09
C ASP A 320 -3.38 -26.60 -24.78
N LYS A 321 -4.64 -26.17 -24.82
CA LYS A 321 -5.80 -27.07 -24.73
C LYS A 321 -5.78 -27.93 -23.47
N PHE A 322 -5.49 -27.30 -22.35
CA PHE A 322 -5.50 -28.02 -21.09
C PHE A 322 -6.90 -28.59 -20.84
N PRO A 323 -7.02 -29.85 -20.40
CA PRO A 323 -8.36 -30.38 -20.11
C PRO A 323 -8.96 -29.86 -18.80
N VAL A 324 -8.14 -29.42 -17.85
CA VAL A 324 -8.65 -28.93 -16.56
C VAL A 324 -7.80 -27.74 -16.10
N LEU A 325 -8.45 -26.80 -15.45
CA LEU A 325 -7.80 -25.62 -14.88
C LEU A 325 -8.09 -25.56 -13.39
N HIS A 326 -7.05 -25.45 -12.58
CA HIS A 326 -7.18 -25.36 -11.12
C HIS A 326 -7.00 -23.91 -10.68
N ASP A 327 -8.08 -23.27 -10.31
CA ASP A 327 -8.14 -21.83 -10.03
C ASP A 327 -8.00 -21.67 -8.52
N ILE A 328 -6.82 -21.25 -8.07
CA ILE A 328 -6.46 -21.29 -6.66
C ILE A 328 -6.37 -19.88 -6.15
N GLY A 329 -7.25 -19.53 -5.23
CA GLY A 329 -7.17 -18.21 -4.63
C GLY A 329 -8.47 -17.77 -4.03
N ASN A 330 -8.83 -16.51 -4.31
CA ASN A 330 -9.95 -15.88 -3.63
C ASN A 330 -11.19 -16.78 -3.68
N PRO A 331 -11.82 -17.05 -2.53
CA PRO A 331 -13.03 -17.89 -2.54
C PRO A 331 -14.22 -17.25 -3.25
N LYS A 332 -14.17 -15.97 -3.57
CA LYS A 332 -15.25 -15.36 -4.34
C LYS A 332 -14.88 -15.22 -5.81
N ALA A 333 -13.88 -15.95 -6.28
CA ALA A 333 -13.49 -15.85 -7.68
C ALA A 333 -14.56 -16.44 -8.59
N ILE A 334 -14.68 -15.84 -9.78
CA ILE A 334 -15.56 -16.27 -10.85
C ILE A 334 -14.69 -16.72 -12.03
N LYS A 335 -15.24 -17.60 -12.86
CA LYS A 335 -14.54 -18.00 -14.07
C LYS A 335 -14.16 -16.77 -14.88
N CYS A 336 -12.88 -16.57 -15.16
CA CYS A 336 -12.49 -15.42 -15.98
C CYS A 336 -12.61 -15.70 -17.48
N VAL A 337 -12.86 -16.94 -17.89
CA VAL A 337 -13.10 -17.23 -19.31
C VAL A 337 -14.36 -18.08 -19.39
N PRO A 338 -15.54 -17.47 -19.29
CA PRO A 338 -16.76 -18.27 -19.05
C PRO A 338 -17.15 -19.18 -20.20
N GLN A 339 -16.67 -18.91 -21.41
CA GLN A 339 -17.02 -19.74 -22.55
C GLN A 339 -15.98 -20.82 -22.85
N ALA A 340 -14.89 -20.89 -22.09
CA ALA A 340 -13.89 -21.95 -22.29
C ALA A 340 -14.48 -23.35 -22.03
N ASP A 341 -14.01 -24.34 -22.79
CA ASP A 341 -14.53 -25.70 -22.58
C ASP A 341 -13.94 -26.43 -21.37
N VAL A 342 -12.88 -25.90 -20.79
CA VAL A 342 -12.12 -26.65 -19.80
C VAL A 342 -12.95 -27.02 -18.57
N GLU A 343 -12.51 -28.04 -17.86
CA GLU A 343 -13.07 -28.34 -16.56
C GLU A 343 -12.48 -27.37 -15.55
N TRP A 344 -13.28 -26.46 -15.01
CA TRP A 344 -12.80 -25.38 -14.16
C TRP A 344 -13.06 -25.75 -12.71
N LYS A 345 -12.01 -25.90 -11.92
CA LYS A 345 -12.11 -26.29 -10.51
C LYS A 345 -11.48 -25.22 -9.63
N PHE A 346 -12.23 -24.81 -8.58
CA PHE A 346 -11.82 -23.73 -7.68
C PHE A 346 -11.31 -24.28 -6.35
N TYR A 347 -10.32 -23.59 -5.79
CA TYR A 347 -9.75 -23.91 -4.49
C TYR A 347 -9.63 -22.60 -3.72
N ASP A 348 -10.10 -22.62 -2.46
CA ASP A 348 -10.30 -21.38 -1.71
C ASP A 348 -9.04 -21.05 -0.93
N ALA A 349 -8.48 -19.88 -1.16
CA ALA A 349 -7.39 -19.40 -0.32
C ALA A 349 -7.51 -17.89 -0.20
N GLN A 350 -7.63 -17.40 1.02
CA GLN A 350 -7.69 -15.96 1.23
C GLN A 350 -6.31 -15.37 1.00
N PRO A 351 -6.26 -14.05 0.68
CA PRO A 351 -4.97 -13.36 0.53
C PRO A 351 -4.08 -13.61 1.73
N CYS A 352 -2.91 -14.20 1.56
CA CYS A 352 -2.00 -14.34 2.69
C CYS A 352 -1.35 -12.99 2.96
N SER A 353 -1.47 -12.51 4.20
CA SER A 353 -0.93 -11.20 4.54
C SER A 353 0.42 -11.28 5.26
N ASP A 354 0.81 -12.46 5.74
CA ASP A 354 2.04 -12.61 6.52
C ASP A 354 3.18 -13.20 5.71
N LYS A 355 3.23 -14.53 5.60
CA LYS A 355 4.18 -15.22 4.75
C LYS A 355 3.45 -15.80 3.55
N ALA A 356 4.15 -15.88 2.41
CA ALA A 356 3.59 -16.58 1.25
C ALA A 356 3.17 -17.98 1.63
N TYR A 357 2.06 -18.42 1.08
CA TYR A 357 1.62 -19.80 1.26
C TYR A 357 2.69 -20.82 0.83
N LYS A 358 2.76 -21.90 1.56
CA LYS A 358 3.62 -23.02 1.16
C LYS A 358 2.85 -23.91 0.20
N ILE A 359 3.43 -24.13 -1.00
CA ILE A 359 2.73 -24.90 -2.03
C ILE A 359 2.41 -26.31 -1.52
N GLU A 360 3.24 -26.85 -0.62
CA GLU A 360 3.00 -28.19 -0.07
C GLU A 360 1.70 -28.23 0.70
N GLU A 361 1.44 -27.22 1.56
CA GLU A 361 0.21 -27.17 2.33
C GLU A 361 -0.99 -26.95 1.42
N LEU A 362 -0.88 -26.02 0.44
CA LEU A 362 -2.01 -25.72 -0.43
C LEU A 362 -2.43 -26.96 -1.21
N PHE A 363 -1.45 -27.69 -1.75
CA PHE A 363 -1.70 -28.88 -2.57
C PHE A 363 -1.66 -30.12 -1.69
N PHE A 373 -3.28 -31.83 -9.46
CA PHE A 373 -2.83 -30.45 -9.69
C PHE A 373 -1.77 -30.44 -10.77
N THR A 374 -1.21 -31.62 -11.01
CA THR A 374 -0.28 -31.81 -12.10
C THR A 374 -1.00 -32.00 -13.43
N ASP A 375 -2.31 -32.26 -13.43
CA ASP A 375 -3.08 -32.31 -14.67
C ASP A 375 -3.46 -30.90 -15.10
N GLY A 376 -3.38 -30.63 -16.40
CA GLY A 376 -3.87 -29.35 -16.88
C GLY A 376 -2.99 -28.21 -16.39
N VAL A 377 -3.63 -27.11 -16.02
CA VAL A 377 -2.90 -25.92 -15.62
C VAL A 377 -3.47 -25.33 -14.33
N CYS A 378 -2.59 -24.65 -13.59
CA CYS A 378 -2.95 -24.00 -12.33
C CYS A 378 -2.92 -22.50 -12.51
N LEU A 379 -3.96 -21.83 -12.06
CA LEU A 379 -4.07 -20.38 -12.12
C LEU A 379 -3.94 -19.81 -10.73
N PHE A 380 -2.91 -18.99 -10.51
CA PHE A 380 -2.66 -18.29 -9.24
C PHE A 380 -2.77 -16.79 -9.50
N TRP A 381 -3.98 -16.25 -9.46
CA TRP A 381 -4.17 -14.83 -9.69
C TRP A 381 -4.13 -14.12 -8.33
N ASN A 382 -2.98 -13.51 -8.02
CA ASN A 382 -2.72 -12.89 -6.72
C ASN A 382 -2.91 -13.86 -5.58
N CYS A 383 -2.49 -15.09 -5.79
CA CYS A 383 -2.33 -16.08 -4.73
C CYS A 383 -0.83 -16.28 -4.54
N ASN A 384 -0.30 -15.71 -3.48
CA ASN A 384 1.15 -15.67 -3.26
C ASN A 384 1.63 -16.94 -2.60
N VAL A 385 2.44 -17.71 -3.32
CA VAL A 385 3.00 -18.96 -2.84
C VAL A 385 4.51 -18.85 -2.88
N ASP A 386 5.17 -19.74 -2.14
CA ASP A 386 6.63 -19.69 -2.06
C ASP A 386 7.30 -20.20 -3.34
N ARG A 387 6.66 -21.14 -4.05
CA ARG A 387 7.21 -21.66 -5.30
C ARG A 387 6.09 -22.22 -6.16
N TYR A 388 5.85 -21.61 -7.32
CA TYR A 388 4.77 -22.01 -8.20
C TYR A 388 5.14 -23.30 -8.94
N PRO A 389 4.16 -24.17 -9.14
CA PRO A 389 4.39 -25.38 -9.94
C PRO A 389 4.66 -25.00 -11.39
N ALA A 390 5.32 -25.89 -12.11
CA ALA A 390 5.72 -25.57 -13.47
C ALA A 390 4.53 -25.30 -14.37
N ASN A 391 3.38 -25.92 -14.11
CA ASN A 391 2.21 -25.79 -14.97
C ASN A 391 1.27 -24.68 -14.48
N SER A 392 1.82 -23.47 -14.35
CA SER A 392 1.03 -22.36 -13.81
C SER A 392 0.95 -21.13 -14.71
N ILE A 393 -0.12 -20.37 -14.48
CA ILE A 393 -0.33 -19.01 -14.95
C ILE A 393 -0.41 -18.16 -13.68
N VAL A 394 0.41 -17.11 -13.57
CA VAL A 394 0.54 -16.39 -12.30
C VAL A 394 0.53 -14.88 -12.51
N CYS A 395 -0.23 -14.20 -11.67
CA CYS A 395 -0.16 -12.76 -11.43
C CYS A 395 0.28 -12.56 -9.99
N ARG A 396 1.40 -11.88 -9.79
CA ARG A 396 1.96 -11.67 -8.46
C ARG A 396 2.35 -10.22 -8.27
N PHE A 397 1.83 -9.60 -7.23
CA PHE A 397 2.12 -8.19 -6.99
C PHE A 397 3.56 -8.01 -6.54
N ASP A 398 4.22 -7.01 -7.12
CA ASP A 398 5.61 -6.70 -6.81
C ASP A 398 5.64 -5.59 -5.75
N THR A 399 5.96 -5.99 -4.51
CA THR A 399 5.92 -5.10 -3.36
C THR A 399 6.91 -3.96 -3.46
N ARG A 400 7.92 -4.06 -4.34
CA ARG A 400 8.93 -3.02 -4.48
C ARG A 400 8.47 -1.81 -5.29
N VAL A 401 7.32 -1.89 -5.95
CA VAL A 401 6.89 -0.81 -6.84
C VAL A 401 6.66 0.46 -6.05
N LEU A 402 7.07 1.59 -6.62
CA LEU A 402 6.76 2.89 -6.03
C LEU A 402 5.47 3.45 -6.62
N SER A 403 4.48 3.66 -5.76
CA SER A 403 3.24 4.31 -6.20
C SER A 403 2.48 4.84 -4.99
N ASN A 404 1.48 5.67 -5.28
CA ASN A 404 0.65 6.22 -4.21
C ASN A 404 -0.28 5.20 -3.62
N LEU A 405 -0.49 4.08 -4.32
CA LEU A 405 -1.34 3.03 -3.79
C LEU A 405 -0.57 2.10 -2.86
N ASN A 406 0.73 2.02 -3.01
CA ASN A 406 1.55 1.02 -2.33
C ASN A 406 2.34 1.66 -1.18
N LEU A 407 1.98 1.32 -0.04
CA LEU A 407 2.64 1.86 1.14
C LEU A 407 3.69 0.88 1.68
N PRO A 408 4.75 1.38 2.31
CA PRO A 408 5.74 0.47 2.89
C PRO A 408 5.13 -0.40 3.99
N GLY A 409 5.50 -1.68 3.98
CA GLY A 409 4.90 -2.66 4.86
C GLY A 409 5.89 -3.31 5.81
N CYS A 410 5.60 -4.54 6.24
N CYS A 410 5.58 -4.52 6.25
CA CYS A 410 6.35 -5.21 7.30
CA CYS A 410 6.37 -5.21 7.25
C CYS A 410 7.17 -6.38 6.75
C CYS A 410 7.23 -6.29 6.63
N ASP A 411 8.44 -6.44 7.17
CA ASP A 411 9.34 -7.51 6.78
C ASP A 411 9.48 -7.62 5.27
N GLY A 412 9.62 -6.47 4.60
CA GLY A 412 9.74 -6.43 3.16
C GLY A 412 8.42 -6.46 2.41
N GLY A 413 7.33 -6.84 3.07
CA GLY A 413 6.02 -6.69 2.48
C GLY A 413 5.65 -5.24 2.25
N SER A 414 4.54 -5.06 1.55
CA SER A 414 4.00 -3.73 1.29
C SER A 414 2.51 -3.79 1.54
N LEU A 415 1.94 -2.62 1.84
CA LEU A 415 0.51 -2.50 2.12
C LEU A 415 -0.12 -1.87 0.87
N TYR A 416 -0.78 -2.68 0.06
CA TYR A 416 -1.37 -2.20 -1.19
C TYR A 416 -2.80 -1.77 -0.91
N VAL A 417 -3.10 -0.48 -1.08
CA VAL A 417 -4.41 0.06 -0.72
C VAL A 417 -5.11 0.52 -1.98
N ASN A 418 -6.04 -0.31 -2.44
CA ASN A 418 -6.81 -0.08 -3.66
C ASN A 418 -8.21 -0.55 -3.31
N LYS A 419 -9.08 0.39 -2.93
CA LYS A 419 -10.40 0.12 -2.37
C LYS A 419 -10.31 -0.55 -1.00
N HIS A 420 -9.62 -1.69 -0.91
CA HIS A 420 -9.37 -2.37 0.35
C HIS A 420 -7.87 -2.43 0.57
N ALA A 421 -7.48 -2.75 1.81
CA ALA A 421 -6.08 -2.76 2.20
C ALA A 421 -5.56 -4.20 2.22
N PHE A 422 -4.49 -4.47 1.48
CA PHE A 422 -3.94 -5.82 1.40
C PHE A 422 -2.46 -5.79 1.75
N HIS A 423 -2.09 -6.29 2.92
CA HIS A 423 -0.68 -6.48 3.16
C HIS A 423 -0.19 -7.67 2.34
N THR A 424 0.94 -7.50 1.66
CA THR A 424 1.45 -8.47 0.70
C THR A 424 2.86 -8.88 1.09
N PRO A 425 3.15 -10.18 1.20
CA PRO A 425 4.53 -10.58 1.51
C PRO A 425 5.52 -10.15 0.45
N ALA A 426 6.77 -9.94 0.88
CA ALA A 426 7.80 -9.41 0.03
C ALA A 426 7.93 -10.20 -1.27
N PHE A 427 8.11 -9.49 -2.36
CA PHE A 427 8.38 -10.10 -3.65
C PHE A 427 9.67 -10.95 -3.60
N ASP A 428 9.58 -12.15 -4.14
CA ASP A 428 10.71 -13.08 -4.16
C ASP A 428 10.81 -13.70 -5.54
N LYS A 429 11.85 -13.31 -6.30
CA LYS A 429 12.01 -13.81 -7.66
C LYS A 429 12.12 -15.33 -7.69
N SER A 430 12.60 -15.96 -6.61
CA SER A 430 12.74 -17.41 -6.54
C SER A 430 11.43 -18.16 -6.57
N ALA A 431 10.31 -17.51 -6.25
CA ALA A 431 9.03 -18.18 -6.39
C ALA A 431 8.74 -18.59 -7.83
N PHE A 432 9.37 -17.94 -8.80
CA PHE A 432 9.06 -18.14 -10.20
C PHE A 432 10.06 -19.03 -10.95
N VAL A 433 10.91 -19.76 -10.22
CA VAL A 433 12.02 -20.45 -10.87
C VAL A 433 11.52 -21.42 -11.93
N ASN A 434 10.33 -21.99 -11.73
CA ASN A 434 9.80 -22.95 -12.68
C ASN A 434 9.07 -22.32 -13.87
N LEU A 435 8.96 -21.00 -13.89
CA LEU A 435 8.19 -20.30 -14.91
C LEU A 435 9.09 -19.36 -15.67
N LYS A 436 8.50 -18.66 -16.64
CA LYS A 436 9.12 -17.53 -17.31
C LYS A 436 8.18 -16.33 -17.28
N GLN A 437 8.75 -15.17 -17.54
CA GLN A 437 7.94 -13.97 -17.70
C GLN A 437 6.98 -14.13 -18.87
N LEU A 438 5.74 -13.74 -18.65
CA LEU A 438 4.75 -13.77 -19.73
C LEU A 438 5.02 -12.61 -20.70
N PRO A 439 5.21 -12.89 -21.99
CA PRO A 439 5.39 -11.79 -22.95
C PRO A 439 4.07 -11.09 -23.24
N PHE A 440 4.15 -9.79 -23.55
CA PHE A 440 2.96 -9.08 -24.04
C PHE A 440 2.50 -9.67 -25.37
N PHE A 441 1.18 -9.84 -25.49
CA PHE A 441 0.54 -10.15 -26.76
C PHE A 441 -0.90 -9.69 -26.67
N TYR A 442 -1.53 -9.53 -27.82
CA TYR A 442 -2.95 -9.23 -27.89
C TYR A 442 -3.57 -10.27 -28.81
N TYR A 443 -4.60 -10.97 -28.32
CA TYR A 443 -5.26 -12.01 -29.08
C TYR A 443 -6.74 -11.70 -29.21
N SER A 444 -7.29 -11.90 -30.41
CA SER A 444 -8.74 -11.75 -30.57
C SER A 444 -9.22 -12.58 -31.76
N ASP A 445 -10.27 -13.34 -31.52
CA ASP A 445 -11.04 -14.04 -32.54
C ASP A 445 -12.33 -13.32 -32.91
N SER A 446 -12.51 -12.08 -32.49
CA SER A 446 -13.75 -11.38 -32.80
C SER A 446 -13.74 -10.98 -34.28
N PRO A 447 -14.93 -10.76 -34.87
CA PRO A 447 -14.97 -10.43 -36.30
C PRO A 447 -14.28 -9.11 -36.55
N CYS A 448 -13.68 -8.98 -37.72
CA CYS A 448 -13.05 -7.73 -38.13
C CYS A 448 -14.15 -6.83 -38.70
N GLU A 449 -14.74 -6.00 -37.85
CA GLU A 449 -15.80 -5.07 -38.24
C GLU A 449 -15.77 -3.84 -37.32
N SER A 450 -15.84 -2.65 -37.93
CA SER A 450 -15.79 -1.37 -37.23
C SER A 450 -17.20 -0.78 -37.14
N HIS A 451 -17.69 -0.61 -35.92
CA HIS A 451 -19.03 -0.06 -35.69
C HIS A 451 -18.89 1.30 -35.01
N GLY A 452 -19.72 2.27 -35.44
CA GLY A 452 -19.77 3.60 -34.87
C GLY A 452 -18.73 4.52 -35.46
N PRO A 463 -2.45 3.54 -38.72
CA PRO A 463 -2.44 2.18 -39.27
C PRO A 463 -1.49 1.29 -38.44
N LEU A 464 -2.02 0.26 -37.80
CA LEU A 464 -1.24 -0.49 -36.83
C LEU A 464 -0.40 -1.57 -37.52
N LYS A 465 0.91 -1.58 -37.23
CA LYS A 465 1.79 -2.68 -37.60
C LYS A 465 2.32 -3.25 -36.29
N SER A 466 2.08 -4.53 -36.04
CA SER A 466 2.66 -5.17 -34.86
C SER A 466 2.70 -6.70 -34.98
N ALA A 467 3.84 -7.26 -34.64
CA ALA A 467 3.96 -8.72 -34.59
C ALA A 467 3.13 -9.33 -33.45
N THR A 468 2.71 -8.55 -32.45
CA THR A 468 2.01 -9.10 -31.30
C THR A 468 0.51 -8.83 -31.34
N CYS A 469 -0.04 -8.41 -32.46
CA CYS A 469 -1.49 -8.34 -32.67
C CYS A 469 -1.93 -9.65 -33.32
N ILE A 470 -2.40 -10.59 -32.49
CA ILE A 470 -2.70 -11.94 -32.97
C ILE A 470 -4.18 -11.97 -33.33
N THR A 471 -4.46 -11.70 -34.61
CA THR A 471 -5.81 -11.62 -35.13
C THR A 471 -5.81 -12.17 -36.57
N ARG A 472 -6.98 -12.53 -37.06
CA ARG A 472 -7.13 -13.01 -38.43
C ARG A 472 -6.60 -11.99 -39.42
N CYS A 473 -6.87 -10.71 -39.19
CA CYS A 473 -6.48 -9.69 -40.14
C CYS A 473 -4.97 -9.50 -40.19
N ASN A 474 -4.27 -9.64 -39.07
CA ASN A 474 -2.82 -9.58 -39.10
C ASN A 474 -2.26 -10.84 -39.78
N LEU A 475 -2.91 -11.98 -39.56
CA LEU A 475 -2.48 -13.20 -40.23
C LEU A 475 -2.52 -13.00 -41.75
N GLY A 476 -3.59 -12.40 -42.24
CA GLY A 476 -3.80 -12.09 -43.64
C GLY A 476 -3.07 -10.88 -44.19
N GLY A 477 -2.33 -10.11 -43.38
CA GLY A 477 -1.37 -9.15 -43.87
C GLY A 477 -1.60 -7.71 -43.45
N ALA A 478 -2.79 -7.38 -42.94
CA ALA A 478 -3.15 -5.99 -42.67
C ALA A 478 -4.17 -5.91 -41.52
N VAL A 479 -3.77 -5.29 -40.41
CA VAL A 479 -4.64 -5.21 -39.24
C VAL A 479 -5.81 -4.26 -39.53
N CYS A 480 -7.03 -4.74 -39.27
CA CYS A 480 -8.22 -3.93 -39.47
C CYS A 480 -8.33 -2.85 -38.38
N ARG A 481 -9.16 -1.85 -38.65
CA ARG A 481 -9.27 -0.72 -37.74
C ARG A 481 -9.80 -1.14 -36.38
N HIS A 482 -10.81 -2.01 -36.34
CA HIS A 482 -11.37 -2.42 -35.06
C HIS A 482 -10.30 -3.07 -34.17
N HIS A 483 -9.62 -4.09 -34.69
CA HIS A 483 -8.59 -4.77 -33.92
C HIS A 483 -7.41 -3.85 -33.63
N ALA A 484 -7.15 -2.87 -34.52
CA ALA A 484 -6.15 -1.85 -34.23
C ALA A 484 -6.54 -1.04 -33.00
N ASN A 485 -7.80 -0.62 -32.93
CA ASN A 485 -8.27 0.15 -31.78
C ASN A 485 -8.22 -0.69 -30.50
N GLU A 486 -8.70 -1.93 -30.58
CA GLU A 486 -8.74 -2.81 -29.43
C GLU A 486 -7.33 -3.14 -28.96
N TYR A 487 -6.39 -3.37 -29.89
CA TYR A 487 -5.01 -3.64 -29.52
C TYR A 487 -4.42 -2.48 -28.73
N ARG A 488 -4.66 -1.25 -29.18
CA ARG A 488 -4.04 -0.11 -28.52
C ARG A 488 -4.65 0.14 -27.15
N LEU A 489 -5.96 -0.09 -27.01
CA LEU A 489 -6.59 -0.03 -25.70
C LEU A 489 -6.05 -1.12 -24.78
N TYR A 490 -5.87 -2.32 -25.31
CA TYR A 490 -5.34 -3.40 -24.48
C TYR A 490 -3.90 -3.14 -24.06
N LEU A 491 -3.09 -2.64 -24.99
CA LEU A 491 -1.73 -2.25 -24.63
C LEU A 491 -1.76 -1.24 -23.49
N ASP A 492 -2.62 -0.22 -23.58
CA ASP A 492 -2.71 0.78 -22.54
C ASP A 492 -3.04 0.13 -21.19
N ALA A 493 -4.05 -0.74 -21.19
CA ALA A 493 -4.46 -1.43 -19.97
C ALA A 493 -3.30 -2.27 -19.40
N TYR A 494 -2.67 -3.08 -20.26
CA TYR A 494 -1.53 -3.89 -19.87
C TYR A 494 -0.44 -3.07 -19.21
N ASN A 495 -0.07 -1.94 -19.82
CA ASN A 495 0.99 -1.10 -19.25
C ASN A 495 0.58 -0.50 -17.92
N MET A 496 -0.70 -0.16 -17.78
CA MET A 496 -1.22 0.36 -16.51
C MET A 496 -1.04 -0.66 -15.39
N MET A 497 -1.51 -1.88 -15.64
CA MET A 497 -1.37 -2.97 -14.68
C MET A 497 0.08 -3.21 -14.30
N ILE A 498 0.96 -3.29 -15.28
CA ILE A 498 2.38 -3.52 -14.97
C ILE A 498 2.91 -2.37 -14.11
N SER A 499 2.64 -1.13 -14.53
CA SER A 499 3.19 0.01 -13.83
C SER A 499 2.66 0.10 -12.40
N ALA A 500 1.49 -0.48 -12.15
CA ALA A 500 0.92 -0.50 -10.82
C ALA A 500 1.60 -1.53 -9.91
N GLY A 501 2.46 -2.40 -10.45
CA GLY A 501 3.22 -3.33 -9.67
C GLY A 501 2.95 -4.79 -9.96
N PHE A 502 1.97 -5.13 -10.77
CA PHE A 502 1.69 -6.52 -11.02
C PHE A 502 2.70 -7.09 -12.01
N SER A 503 3.05 -8.35 -11.80
CA SER A 503 3.97 -9.08 -12.67
C SER A 503 3.28 -10.37 -13.08
N LEU A 504 3.57 -10.83 -14.29
CA LEU A 504 2.89 -11.96 -14.91
C LEU A 504 3.90 -13.00 -15.37
N TRP A 505 3.57 -14.26 -15.12
CA TRP A 505 4.48 -15.39 -15.26
C TRP A 505 3.69 -16.55 -15.81
N VAL A 506 4.36 -17.44 -16.57
CA VAL A 506 3.64 -18.49 -17.28
C VAL A 506 4.54 -19.71 -17.45
N TYR A 507 3.89 -20.88 -17.63
CA TYR A 507 4.60 -22.12 -17.88
C TYR A 507 5.51 -21.95 -19.10
N LYS A 508 6.65 -22.64 -19.10
CA LYS A 508 7.73 -22.32 -20.04
C LYS A 508 7.37 -22.69 -21.48
N GLN A 509 6.43 -23.61 -21.67
CA GLN A 509 6.03 -24.02 -22.99
C GLN A 509 5.08 -23.03 -23.65
N PHE A 510 4.57 -22.04 -22.91
CA PHE A 510 3.66 -21.08 -23.53
C PHE A 510 4.32 -20.40 -24.75
N ASP A 511 3.60 -20.39 -25.86
CA ASP A 511 4.17 -19.86 -27.11
C ASP A 511 3.05 -19.29 -27.95
N THR A 512 3.04 -17.97 -28.12
CA THR A 512 1.95 -17.34 -28.85
C THR A 512 1.92 -17.79 -30.30
N TYR A 513 3.00 -18.38 -30.81
CA TYR A 513 2.97 -18.90 -32.16
C TYR A 513 1.84 -19.90 -32.33
N ASN A 514 1.45 -20.57 -31.25
CA ASN A 514 0.41 -21.58 -31.29
C ASN A 514 -0.99 -20.99 -31.40
N LEU A 515 -1.14 -19.68 -31.24
CA LEU A 515 -2.46 -19.07 -31.40
C LEU A 515 -2.84 -18.80 -32.85
N TRP A 516 -1.86 -18.73 -33.76
CA TRP A 516 -2.21 -18.36 -35.13
C TRP A 516 -3.12 -19.40 -35.78
N ASN A 517 -2.98 -20.69 -35.42
CA ASN A 517 -3.79 -21.75 -36.01
C ASN A 517 -5.19 -21.85 -35.39
N THR A 518 -5.55 -21.00 -34.41
CA THR A 518 -6.96 -20.90 -34.01
C THR A 518 -7.74 -20.07 -35.02
N PHE A 519 -7.09 -19.50 -36.01
CA PHE A 519 -7.74 -18.76 -37.09
C PHE A 519 -7.88 -19.65 -38.33
#